data_1NW8
#
_entry.id   1NW8
#
_cell.length_a   71.600
_cell.length_b   131.380
_cell.length_c   67.540
_cell.angle_alpha   90.00
_cell.angle_beta   90.00
_cell.angle_gamma   90.00
#
_symmetry.space_group_name_H-M   'C 2 2 21'
#
loop_
_entity.id
_entity.type
_entity.pdbx_description
1 polymer 'MODIFICATION METHYLASE RSRI'
2 non-polymer 'CHLORIDE ION'
3 water water
#
_entity_poly.entity_id   1
_entity_poly.type   'polypeptide(L)'
_entity_poly.pdbx_seq_one_letter_code
;MANRSHHNAGHRAMNALRKSGQKHSSESQLGSSEIGTTRHVYDVCDCLDTLAKLPDDSVQLIICDPPYNIMPADWDDHMD
YIGWAKRWLAEAERVLSPTGSIAIFGGLQYQGEAGSGDLISIISHMRQNSKMLLANLIIWNYPNGMSAQRFFANRHEEIA
WFAKTKKYFFDLDAVREPYDEETKAAYMKDKRLNPESVEKGRNPTNVWRMSRLNGNSLERVGHPTQKPAAVIERLVRALS
HPGSTVLDFFAGSGVTARVAIQEGRNSICTDAAPVFKEYYQKQLTFLQDDGLIDKARSYEIVEGAANFGAALQRGDVAS
;
_entity_poly.pdbx_strand_id   A
#
loop_
_chem_comp.id
_chem_comp.type
_chem_comp.name
_chem_comp.formula
CL non-polymer 'CHLORIDE ION' 'Cl -1'
#
# COMPACT_ATOMS: atom_id res chain seq x y z
N GLY A 36 9.97 -2.99 -21.20
CA GLY A 36 9.51 -1.56 -21.30
C GLY A 36 10.18 -0.65 -20.29
N THR A 37 9.90 0.65 -20.39
CA THR A 37 10.47 1.64 -19.49
C THR A 37 9.37 2.30 -18.67
N THR A 38 9.55 2.34 -17.36
CA THR A 38 8.56 2.92 -16.46
C THR A 38 8.87 4.37 -16.08
N ARG A 39 7.83 5.10 -15.69
CA ARG A 39 7.96 6.50 -15.28
C ARG A 39 7.54 6.70 -13.82
N HIS A 40 8.28 7.55 -13.12
CA HIS A 40 8.04 7.80 -11.73
C HIS A 40 8.13 9.27 -11.41
N VAL A 41 7.00 9.83 -10.98
CA VAL A 41 6.92 11.24 -10.66
C VAL A 41 6.75 11.39 -9.16
N TYR A 42 7.42 12.38 -8.59
CA TYR A 42 7.33 12.60 -7.16
C TYR A 42 7.33 14.08 -6.86
N ASP A 43 6.88 14.43 -5.68
CA ASP A 43 6.84 15.84 -5.29
C ASP A 43 6.32 15.96 -3.87
N VAL A 44 6.57 17.12 -3.27
CA VAL A 44 6.08 17.42 -1.95
C VAL A 44 4.75 18.13 -2.12
N CYS A 45 3.67 17.48 -1.72
CA CYS A 45 2.34 18.06 -1.88
C CYS A 45 1.36 17.55 -0.83
N ASP A 46 0.28 18.31 -0.67
CA ASP A 46 -0.82 17.93 0.20
C ASP A 46 -1.60 16.89 -0.60
N CYS A 47 -2.09 15.83 0.07
CA CYS A 47 -2.79 14.75 -0.63
C CYS A 47 -3.92 15.22 -1.55
N LEU A 48 -4.76 16.12 -1.07
CA LEU A 48 -5.87 16.58 -1.89
C LEU A 48 -5.36 17.32 -3.12
N ASP A 49 -4.34 18.15 -2.95
CA ASP A 49 -3.77 18.90 -4.06
C ASP A 49 -3.25 17.94 -5.11
N THR A 50 -2.68 16.82 -4.69
CA THR A 50 -2.18 15.82 -5.62
C THR A 50 -3.33 15.16 -6.37
N LEU A 51 -4.31 14.70 -5.60
CA LEU A 51 -5.46 14.01 -6.17
C LEU A 51 -6.29 14.88 -7.12
N ALA A 52 -6.43 16.16 -6.77
CA ALA A 52 -7.18 17.07 -7.62
C ALA A 52 -6.60 17.18 -9.03
N LYS A 53 -5.33 16.86 -9.20
CA LYS A 53 -4.73 16.96 -10.53
C LYS A 53 -4.79 15.65 -11.31
N LEU A 54 -5.27 14.58 -10.67
CA LEU A 54 -5.36 13.29 -11.36
C LEU A 54 -6.75 13.08 -11.94
N PRO A 55 -6.83 12.62 -13.20
CA PRO A 55 -8.13 12.37 -13.85
C PRO A 55 -8.86 11.21 -13.21
N ASP A 56 -10.16 11.10 -13.51
CA ASP A 56 -10.98 10.00 -13.02
C ASP A 56 -10.45 8.69 -13.62
N ASP A 57 -10.51 7.60 -12.85
CA ASP A 57 -10.08 6.28 -13.33
C ASP A 57 -8.70 6.31 -14.01
N SER A 58 -7.72 6.93 -13.38
CA SER A 58 -6.40 7.03 -13.98
C SER A 58 -5.33 6.17 -13.29
N VAL A 59 -5.63 5.64 -12.09
CA VAL A 59 -4.62 4.83 -11.40
C VAL A 59 -5.14 3.42 -11.10
N GLN A 60 -4.23 2.44 -11.09
CA GLN A 60 -4.60 1.05 -10.86
C GLN A 60 -4.51 0.64 -9.38
N LEU A 61 -3.52 1.15 -8.67
CA LEU A 61 -3.37 0.79 -7.26
C LEU A 61 -2.92 1.95 -6.39
N ILE A 62 -3.46 1.99 -5.19
CA ILE A 62 -3.08 3.03 -4.25
C ILE A 62 -2.58 2.43 -2.96
N ILE A 63 -1.39 2.84 -2.55
CA ILE A 63 -0.80 2.40 -1.29
C ILE A 63 -1.12 3.54 -0.31
N CYS A 64 -1.87 3.23 0.74
CA CYS A 64 -2.30 4.26 1.67
C CYS A 64 -2.02 3.90 3.13
N ASP A 65 -1.02 4.58 3.70
CA ASP A 65 -0.58 4.43 5.08
C ASP A 65 -0.68 5.84 5.66
N PRO A 66 -1.91 6.25 6.01
CA PRO A 66 -2.25 7.57 6.54
C PRO A 66 -1.99 7.84 8.00
N PRO A 67 -1.92 9.13 8.33
CA PRO A 67 -1.70 9.54 9.72
C PRO A 67 -3.02 9.21 10.40
N TYR A 68 -3.04 8.97 11.69
CA TYR A 68 -4.31 8.63 12.32
C TYR A 68 -4.75 9.64 13.38
N ASN A 69 -4.39 10.89 13.13
CA ASN A 69 -4.78 12.02 13.95
C ASN A 69 -4.65 13.26 13.07
N ILE A 70 -5.59 14.18 13.20
CA ILE A 70 -5.52 15.38 12.38
C ILE A 70 -4.59 16.40 13.00
N MET A 71 -4.16 17.36 12.19
CA MET A 71 -3.26 18.41 12.63
C MET A 71 -4.01 19.53 13.33
N PRO A 72 -3.33 20.29 14.19
CA PRO A 72 -3.95 21.40 14.91
C PRO A 72 -4.76 22.30 13.99
N ALA A 73 -4.21 22.59 12.81
CA ALA A 73 -4.89 23.45 11.83
C ALA A 73 -6.19 22.83 11.32
N ASP A 74 -6.22 21.51 11.21
CA ASP A 74 -7.43 20.82 10.72
C ASP A 74 -8.64 21.05 11.61
N TRP A 75 -8.40 21.48 12.84
CA TRP A 75 -9.48 21.71 13.78
C TRP A 75 -10.30 22.96 13.44
N ASP A 76 -9.98 23.59 12.33
CA ASP A 76 -10.73 24.77 11.89
C ASP A 76 -11.93 24.33 11.06
N ASP A 77 -11.76 23.21 10.36
CA ASP A 77 -12.80 22.70 9.47
C ASP A 77 -13.37 21.33 9.86
N HIS A 78 -12.84 20.68 10.89
CA HIS A 78 -13.36 19.36 11.25
C HIS A 78 -13.49 19.14 12.75
N MET A 79 -14.36 18.19 13.11
CA MET A 79 -14.58 17.87 14.52
C MET A 79 -14.12 16.45 14.87
N ASP A 80 -13.66 15.71 13.86
CA ASP A 80 -13.14 14.37 14.10
C ASP A 80 -12.27 13.90 12.93
N TYR A 81 -11.58 12.79 13.14
CA TYR A 81 -10.68 12.21 12.15
C TYR A 81 -11.36 11.90 10.79
N ILE A 82 -12.47 11.16 10.84
CA ILE A 82 -13.16 10.79 9.61
C ILE A 82 -13.61 12.03 8.82
N GLY A 83 -14.00 13.10 9.50
CA GLY A 83 -14.40 14.30 8.79
C GLY A 83 -13.28 14.75 7.85
N TRP A 84 -12.04 14.63 8.33
CA TRP A 84 -10.84 15.02 7.60
C TRP A 84 -10.48 13.98 6.53
N ALA A 85 -10.51 12.71 6.92
CA ALA A 85 -10.12 11.63 6.02
C ALA A 85 -11.09 11.33 4.88
N LYS A 86 -12.39 11.59 5.07
CA LYS A 86 -13.36 11.27 4.02
C LYS A 86 -13.10 12.01 2.72
N ARG A 87 -12.41 13.14 2.82
CA ARG A 87 -12.10 13.94 1.64
C ARG A 87 -11.16 13.19 0.69
N TRP A 88 -10.01 12.74 1.18
CA TRP A 88 -9.11 12.03 0.29
C TRP A 88 -9.61 10.62 0.02
N LEU A 89 -10.42 10.08 0.92
CA LEU A 89 -10.97 8.75 0.69
C LEU A 89 -11.87 8.78 -0.55
N ALA A 90 -12.70 9.82 -0.65
CA ALA A 90 -13.60 9.95 -1.81
C ALA A 90 -12.77 10.18 -3.07
N GLU A 91 -11.76 11.04 -2.95
CA GLU A 91 -10.90 11.31 -4.09
C GLU A 91 -10.12 10.07 -4.50
N ALA A 92 -9.61 9.32 -3.53
CA ALA A 92 -8.86 8.11 -3.85
C ALA A 92 -9.72 7.18 -4.72
N GLU A 93 -10.99 7.07 -4.37
CA GLU A 93 -11.91 6.23 -5.14
C GLU A 93 -12.14 6.78 -6.57
N ARG A 94 -12.24 8.09 -6.70
CA ARG A 94 -12.46 8.72 -8.01
C ARG A 94 -11.32 8.42 -8.99
N VAL A 95 -10.08 8.62 -8.54
CA VAL A 95 -8.92 8.41 -9.40
C VAL A 95 -8.61 6.95 -9.73
N LEU A 96 -9.14 6.01 -8.96
CA LEU A 96 -8.91 4.59 -9.23
C LEU A 96 -9.77 4.15 -10.43
N SER A 97 -9.23 3.28 -11.27
CA SER A 97 -9.98 2.79 -12.42
C SER A 97 -10.91 1.66 -11.99
N PRO A 98 -11.83 1.22 -12.88
CA PRO A 98 -12.75 0.14 -12.55
C PRO A 98 -12.06 -1.13 -12.04
N THR A 99 -10.87 -1.42 -12.55
CA THR A 99 -10.12 -2.61 -12.12
C THR A 99 -9.18 -2.30 -10.95
N GLY A 100 -9.24 -1.07 -10.43
CA GLY A 100 -8.34 -0.64 -9.38
C GLY A 100 -8.68 -0.97 -7.93
N SER A 101 -7.68 -0.84 -7.07
CA SER A 101 -7.81 -1.13 -5.65
C SER A 101 -6.95 -0.22 -4.79
N ILE A 102 -7.33 -0.10 -3.53
CA ILE A 102 -6.58 0.68 -2.57
C ILE A 102 -6.31 -0.18 -1.33
N ALA A 103 -5.07 -0.15 -0.87
CA ALA A 103 -4.68 -0.87 0.33
C ALA A 103 -4.44 0.16 1.42
N ILE A 104 -5.20 0.05 2.50
CA ILE A 104 -5.09 1.00 3.60
C ILE A 104 -4.58 0.36 4.89
N PHE A 105 -3.39 0.78 5.33
CA PHE A 105 -2.78 0.26 6.55
C PHE A 105 -3.41 0.97 7.75
N GLY A 106 -3.53 0.26 8.86
CA GLY A 106 -4.10 0.86 10.05
C GLY A 106 -4.21 -0.16 11.17
N GLY A 107 -4.40 0.34 12.39
CA GLY A 107 -4.55 -0.54 13.54
C GLY A 107 -6.01 -0.63 13.96
N LEU A 108 -6.28 -1.41 15.00
CA LEU A 108 -7.64 -1.59 15.47
C LEU A 108 -7.73 -1.28 16.96
N GLN A 109 -6.70 -0.66 17.52
CA GLN A 109 -6.74 -0.39 18.95
C GLN A 109 -6.82 1.12 19.29
N TYR A 110 -7.60 1.87 18.50
CA TYR A 110 -7.83 3.29 18.74
C TYR A 110 -8.52 3.44 20.10
N GLN A 111 -8.10 4.42 20.90
CA GLN A 111 -8.66 4.57 22.25
C GLN A 111 -9.72 5.66 22.44
N GLY A 112 -10.06 6.42 21.40
CA GLY A 112 -11.11 7.42 21.56
C GLY A 112 -10.69 8.89 21.68
N GLU A 113 -9.40 9.21 21.63
CA GLU A 113 -8.98 10.63 21.73
C GLU A 113 -9.57 11.43 20.57
N ALA A 114 -9.97 12.67 20.85
CA ALA A 114 -10.57 13.52 19.83
C ALA A 114 -9.59 13.82 18.71
N GLY A 115 -10.09 13.84 17.48
CA GLY A 115 -9.23 14.14 16.34
C GLY A 115 -8.46 12.95 15.82
N SER A 116 -8.52 11.83 16.53
CA SER A 116 -7.82 10.64 16.09
C SER A 116 -8.78 9.50 15.78
N GLY A 117 -8.24 8.43 15.24
CA GLY A 117 -9.05 7.27 14.92
C GLY A 117 -8.18 6.12 14.49
N ASP A 118 -8.78 5.14 13.81
CA ASP A 118 -8.02 4.01 13.32
C ASP A 118 -8.67 3.38 12.10
N LEU A 119 -8.22 2.18 11.73
CA LEU A 119 -8.72 1.49 10.55
C LEU A 119 -10.20 1.17 10.66
N ILE A 120 -10.70 1.01 11.88
CA ILE A 120 -12.12 0.74 12.07
C ILE A 120 -12.92 1.97 11.68
N SER A 121 -12.45 3.14 12.10
CA SER A 121 -13.11 4.41 11.80
C SER A 121 -13.22 4.59 10.28
N ILE A 122 -12.23 4.07 9.57
CA ILE A 122 -12.24 4.20 8.12
C ILE A 122 -13.20 3.18 7.50
N ILE A 123 -13.09 1.93 7.93
CA ILE A 123 -13.98 0.87 7.42
C ILE A 123 -15.44 1.19 7.67
N SER A 124 -15.76 1.65 8.88
CA SER A 124 -17.14 1.98 9.20
C SER A 124 -17.66 3.03 8.23
N HIS A 125 -16.85 4.06 8.01
CA HIS A 125 -17.20 5.14 7.10
C HIS A 125 -17.47 4.59 5.69
N MET A 126 -16.53 3.81 5.18
CA MET A 126 -16.65 3.22 3.85
C MET A 126 -17.94 2.39 3.70
N ARG A 127 -18.29 1.65 4.74
CA ARG A 127 -19.50 0.82 4.68
C ARG A 127 -20.75 1.66 4.54
N GLN A 128 -20.71 2.89 5.02
CA GLN A 128 -21.89 3.76 4.95
C GLN A 128 -21.89 4.70 3.77
N ASN A 129 -20.73 5.01 3.21
CA ASN A 129 -20.72 6.00 2.15
C ASN A 129 -20.01 5.63 0.87
N SER A 130 -19.40 4.46 0.80
CA SER A 130 -18.70 4.11 -0.43
C SER A 130 -19.25 2.84 -1.08
N LYS A 131 -19.16 2.77 -2.40
CA LYS A 131 -19.63 1.60 -3.13
C LYS A 131 -18.49 0.56 -3.29
N MET A 132 -17.29 0.90 -2.87
CA MET A 132 -16.16 -0.02 -3.00
C MET A 132 -16.37 -1.30 -2.17
N LEU A 133 -15.76 -2.39 -2.62
CA LEU A 133 -15.89 -3.67 -1.93
C LEU A 133 -14.67 -3.96 -1.08
N LEU A 134 -14.91 -4.50 0.12
CA LEU A 134 -13.83 -4.88 1.01
C LEU A 134 -13.41 -6.30 0.59
N ALA A 135 -12.40 -6.41 -0.26
CA ALA A 135 -11.95 -7.70 -0.77
C ALA A 135 -11.27 -8.57 0.28
N ASN A 136 -10.60 -7.95 1.23
CA ASN A 136 -9.91 -8.67 2.27
C ASN A 136 -9.45 -7.74 3.37
N LEU A 137 -9.37 -8.29 4.58
CA LEU A 137 -8.81 -7.57 5.70
C LEU A 137 -7.59 -8.42 6.02
N ILE A 138 -6.44 -7.94 5.58
CA ILE A 138 -5.19 -8.65 5.75
C ILE A 138 -4.56 -8.34 7.09
N ILE A 139 -4.09 -9.40 7.76
CA ILE A 139 -3.42 -9.23 9.04
C ILE A 139 -1.90 -9.33 8.86
N TRP A 140 -1.19 -8.24 9.07
CA TRP A 140 0.27 -8.26 9.00
C TRP A 140 0.77 -8.59 10.39
N ASN A 141 1.20 -9.84 10.57
CA ASN A 141 1.69 -10.35 11.85
C ASN A 141 3.22 -10.30 11.91
N TYR A 142 3.77 -9.36 12.68
CA TYR A 142 5.23 -9.27 12.80
C TYR A 142 5.72 -9.93 14.08
N PRO A 143 6.90 -10.59 14.01
CA PRO A 143 7.63 -11.33 15.05
C PRO A 143 8.00 -10.62 16.34
N ASN A 144 8.56 -9.42 16.25
CA ASN A 144 9.00 -8.75 17.45
C ASN A 144 8.27 -7.45 17.75
N GLY A 145 8.38 -7.03 19.01
CA GLY A 145 7.75 -5.80 19.46
C GLY A 145 8.04 -5.57 20.93
N MET A 146 7.29 -4.65 21.53
CA MET A 146 7.48 -4.36 22.95
C MET A 146 6.79 -5.43 23.78
N SER A 147 7.22 -5.56 25.04
CA SER A 147 6.60 -6.52 25.93
C SER A 147 5.40 -5.84 26.58
N ALA A 148 4.61 -6.60 27.34
CA ALA A 148 3.43 -6.05 28.00
C ALA A 148 3.06 -6.89 29.22
N GLN A 149 2.73 -6.21 30.31
CA GLN A 149 2.39 -6.89 31.56
C GLN A 149 0.88 -6.94 31.81
N ARG A 150 0.17 -5.89 31.40
CA ARG A 150 -1.27 -5.80 31.64
C ARG A 150 -2.14 -6.17 30.43
N PHE A 151 -1.56 -6.78 29.41
CA PHE A 151 -2.33 -7.20 28.24
C PHE A 151 -1.46 -7.96 27.24
N PHE A 152 -2.08 -8.48 26.20
CA PHE A 152 -1.36 -9.26 25.20
C PHE A 152 -0.51 -8.36 24.30
N ALA A 153 0.79 -8.65 24.26
CA ALA A 153 1.75 -7.88 23.46
C ALA A 153 1.31 -7.73 22.02
N ASN A 154 1.26 -6.49 21.55
CA ASN A 154 0.81 -6.22 20.18
C ASN A 154 1.79 -6.73 19.12
N ARG A 155 1.31 -7.59 18.23
CA ARG A 155 2.15 -8.15 17.17
C ARG A 155 1.46 -8.12 15.82
N HIS A 156 0.56 -7.16 15.61
CA HIS A 156 -0.11 -7.09 14.32
C HIS A 156 -0.62 -5.69 13.97
N GLU A 157 -0.77 -5.50 12.66
CA GLU A 157 -1.25 -4.28 12.04
C GLU A 157 -2.11 -4.75 10.86
N GLU A 158 -3.16 -4.02 10.51
CA GLU A 158 -4.04 -4.48 9.43
C GLU A 158 -3.88 -3.73 8.12
N ILE A 159 -4.41 -4.34 7.07
CA ILE A 159 -4.39 -3.78 5.73
C ILE A 159 -5.75 -4.01 5.12
N ALA A 160 -6.54 -2.95 4.98
CA ALA A 160 -7.84 -3.10 4.36
C ALA A 160 -7.69 -2.96 2.85
N TRP A 161 -8.02 -4.02 2.12
CA TRP A 161 -7.95 -3.98 0.68
C TRP A 161 -9.34 -3.74 0.11
N PHE A 162 -9.54 -2.53 -0.41
CA PHE A 162 -10.82 -2.17 -1.01
C PHE A 162 -10.69 -2.18 -2.52
N ALA A 163 -11.65 -2.77 -3.21
CA ALA A 163 -11.63 -2.81 -4.66
C ALA A 163 -12.72 -1.89 -5.19
N LYS A 164 -12.41 -1.11 -6.22
CA LYS A 164 -13.42 -0.18 -6.75
C LYS A 164 -14.65 -0.91 -7.30
N THR A 165 -14.44 -2.01 -8.00
CA THR A 165 -15.55 -2.80 -8.54
C THR A 165 -15.27 -4.30 -8.44
N LYS A 166 -16.25 -5.11 -8.81
CA LYS A 166 -16.07 -6.55 -8.77
C LYS A 166 -15.09 -7.04 -9.86
N LYS A 167 -14.73 -6.14 -10.78
CA LYS A 167 -13.81 -6.48 -11.86
C LYS A 167 -12.35 -6.15 -11.53
N TYR A 168 -12.05 -5.98 -10.25
CA TYR A 168 -10.70 -5.65 -9.83
C TYR A 168 -9.67 -6.64 -10.36
N PHE A 169 -8.45 -6.18 -10.54
CA PHE A 169 -7.36 -7.03 -11.02
C PHE A 169 -6.79 -7.83 -9.84
N PHE A 170 -6.41 -9.07 -10.09
CA PHE A 170 -5.83 -9.90 -9.04
C PHE A 170 -4.92 -10.96 -9.62
N ASP A 171 -3.63 -10.88 -9.30
CA ASP A 171 -2.68 -11.86 -9.81
C ASP A 171 -2.20 -12.76 -8.66
N LEU A 172 -3.03 -13.75 -8.31
CA LEU A 172 -2.71 -14.67 -7.23
C LEU A 172 -1.39 -15.42 -7.47
N ASP A 173 -1.22 -15.93 -8.70
CA ASP A 173 -0.03 -16.68 -9.05
C ASP A 173 1.25 -15.91 -8.76
N ALA A 174 1.21 -14.60 -8.97
CA ALA A 174 2.38 -13.75 -8.75
C ALA A 174 2.80 -13.69 -7.29
N VAL A 175 1.94 -14.15 -6.38
CA VAL A 175 2.27 -14.09 -4.95
C VAL A 175 2.12 -15.42 -4.22
N ARG A 176 1.90 -16.51 -4.96
CA ARG A 176 1.80 -17.82 -4.32
C ARG A 176 3.16 -18.16 -3.69
N GLU A 177 3.14 -18.88 -2.57
CA GLU A 177 4.35 -19.29 -1.88
C GLU A 177 4.66 -20.75 -2.24
N PRO A 178 5.84 -20.99 -2.84
CA PRO A 178 6.30 -22.32 -3.26
C PRO A 178 6.36 -23.34 -2.12
N TYR A 179 6.36 -24.61 -2.51
CA TYR A 179 6.49 -25.71 -1.56
C TYR A 179 7.93 -26.22 -1.60
N ASP A 180 8.51 -26.53 -0.45
CA ASP A 180 9.88 -27.04 -0.45
C ASP A 180 9.97 -28.25 -1.37
N GLU A 181 11.06 -28.36 -2.11
CA GLU A 181 11.25 -29.44 -3.09
C GLU A 181 10.69 -30.79 -2.68
N GLU A 182 10.73 -31.12 -1.39
CA GLU A 182 10.22 -32.40 -0.92
C GLU A 182 8.71 -32.42 -0.71
N THR A 183 8.19 -31.43 0.00
CA THR A 183 6.75 -31.34 0.26
C THR A 183 5.92 -31.44 -1.02
N LYS A 184 6.39 -30.81 -2.09
CA LYS A 184 5.65 -30.83 -3.36
C LYS A 184 5.83 -32.16 -4.06
N ALA A 185 6.95 -32.84 -3.79
CA ALA A 185 7.21 -34.14 -4.39
C ALA A 185 6.18 -35.15 -3.88
N ALA A 186 5.79 -34.98 -2.62
CA ALA A 186 4.82 -35.84 -1.96
C ALA A 186 3.40 -35.54 -2.45
N TYR A 187 3.13 -34.27 -2.76
CA TYR A 187 1.81 -33.88 -3.24
C TYR A 187 1.58 -34.35 -4.66
N MET A 188 2.66 -34.50 -5.42
CA MET A 188 2.57 -34.97 -6.79
C MET A 188 2.32 -36.48 -6.79
N LYS A 189 2.59 -37.11 -5.64
CA LYS A 189 2.36 -38.55 -5.50
C LYS A 189 0.89 -38.78 -5.14
N ASP A 190 0.32 -37.83 -4.41
CA ASP A 190 -1.07 -37.86 -3.98
C ASP A 190 -1.98 -37.48 -5.16
N LYS A 191 -2.57 -38.49 -5.80
CA LYS A 191 -3.43 -38.27 -6.96
C LYS A 191 -4.74 -37.56 -6.62
N ARG A 192 -5.05 -37.41 -5.34
CA ARG A 192 -6.27 -36.71 -4.96
C ARG A 192 -6.11 -35.20 -5.13
N LEU A 193 -4.86 -34.75 -5.11
CA LEU A 193 -4.54 -33.34 -5.25
C LEU A 193 -4.27 -32.93 -6.70
N ASN A 194 -4.70 -31.72 -7.04
CA ASN A 194 -4.51 -31.19 -8.39
C ASN A 194 -3.05 -30.80 -8.64
N PRO A 195 -2.37 -31.50 -9.56
CA PRO A 195 -0.96 -31.27 -9.93
C PRO A 195 -0.65 -29.82 -10.27
N GLU A 196 -1.56 -29.16 -10.96
CA GLU A 196 -1.40 -27.76 -11.35
C GLU A 196 -1.20 -26.88 -10.12
N SER A 197 -2.14 -26.97 -9.18
CA SER A 197 -2.10 -26.20 -7.95
C SER A 197 -0.84 -26.45 -7.14
N VAL A 198 -0.37 -27.69 -7.16
CA VAL A 198 0.84 -28.07 -6.43
C VAL A 198 2.05 -27.28 -6.91
N GLU A 199 2.26 -27.28 -8.23
CA GLU A 199 3.40 -26.56 -8.82
C GLU A 199 3.28 -25.05 -8.68
N LYS A 200 2.07 -24.51 -8.83
CA LYS A 200 1.86 -23.07 -8.71
C LYS A 200 2.30 -22.58 -7.34
N GLY A 201 1.86 -23.28 -6.30
CA GLY A 201 2.20 -22.88 -4.94
C GLY A 201 0.94 -22.60 -4.15
N ARG A 202 1.12 -22.23 -2.88
CA ARG A 202 -0.01 -21.99 -1.99
C ARG A 202 -0.45 -20.52 -1.92
N ASN A 203 -1.76 -20.33 -1.71
CA ASN A 203 -2.32 -19.01 -1.54
C ASN A 203 -1.72 -18.50 -0.23
N PRO A 204 -1.08 -17.33 -0.24
CA PRO A 204 -0.48 -16.84 1.00
C PRO A 204 -1.43 -16.52 2.15
N THR A 205 -2.75 -16.67 1.95
CA THR A 205 -3.76 -16.39 3.00
C THR A 205 -3.81 -14.91 3.37
N ASN A 206 -4.79 -14.52 4.18
CA ASN A 206 -4.91 -13.11 4.57
C ASN A 206 -4.27 -12.80 5.91
N VAL A 207 -3.26 -13.59 6.24
CA VAL A 207 -2.45 -13.42 7.44
C VAL A 207 -1.00 -13.55 6.96
N TRP A 208 -0.27 -12.44 6.97
CA TRP A 208 1.11 -12.44 6.51
C TRP A 208 2.09 -12.26 7.64
N ARG A 209 2.95 -13.26 7.83
CA ARG A 209 3.97 -13.19 8.86
C ARG A 209 5.23 -12.64 8.24
N MET A 210 5.40 -11.32 8.30
CA MET A 210 6.57 -10.69 7.71
C MET A 210 7.26 -9.79 8.72
N SER A 211 8.58 -9.87 8.76
CA SER A 211 9.37 -9.10 9.71
C SER A 211 9.37 -7.60 9.45
N ARG A 212 9.13 -6.85 10.53
CA ARG A 212 9.14 -5.42 10.47
C ARG A 212 10.56 -4.99 10.11
N LEU A 213 10.70 -3.81 9.53
CA LEU A 213 12.02 -3.30 9.14
C LEU A 213 12.86 -2.95 10.38
N ASN A 214 13.93 -3.70 10.63
CA ASN A 214 14.79 -3.44 11.79
C ASN A 214 15.71 -2.23 11.59
N GLY A 215 16.23 -1.72 12.70
CA GLY A 215 17.10 -0.55 12.68
C GLY A 215 18.39 -0.67 11.87
N ASN A 216 18.91 -1.88 11.74
CA ASN A 216 20.15 -2.10 10.99
C ASN A 216 19.91 -2.57 9.57
N SER A 217 18.64 -2.59 9.15
CA SER A 217 18.30 -3.02 7.80
C SER A 217 18.75 -1.97 6.77
N LEU A 218 19.29 -2.44 5.66
CA LEU A 218 19.80 -1.58 4.59
C LEU A 218 18.70 -0.71 3.96
N GLU A 219 17.45 -1.16 4.06
CA GLU A 219 16.33 -0.43 3.48
C GLU A 219 16.11 0.94 4.14
N ARG A 220 16.51 1.06 5.40
CA ARG A 220 16.35 2.29 6.17
C ARG A 220 16.78 3.56 5.42
N VAL A 221 15.86 4.51 5.33
CA VAL A 221 16.15 5.80 4.68
C VAL A 221 16.02 6.93 5.68
N GLY A 222 15.68 6.58 6.92
CA GLY A 222 15.54 7.57 7.97
C GLY A 222 14.12 7.70 8.48
N HIS A 223 13.15 7.27 7.66
CA HIS A 223 11.74 7.33 8.03
C HIS A 223 11.43 6.32 9.15
N PRO A 224 11.08 6.82 10.34
CA PRO A 224 10.76 6.03 11.54
C PRO A 224 9.70 4.92 11.36
N THR A 225 8.65 5.18 10.59
CA THR A 225 7.62 4.17 10.40
C THR A 225 7.72 3.48 9.03
N GLN A 226 8.91 3.51 8.43
CA GLN A 226 9.14 2.90 7.13
C GLN A 226 8.66 1.45 7.09
N LYS A 227 7.73 1.15 6.19
CA LYS A 227 7.20 -0.21 6.07
C LYS A 227 8.18 -1.08 5.27
N PRO A 228 8.22 -2.38 5.58
CA PRO A 228 9.13 -3.28 4.85
C PRO A 228 8.71 -3.42 3.39
N ALA A 229 9.69 -3.46 2.49
CA ALA A 229 9.41 -3.58 1.08
C ALA A 229 8.62 -4.86 0.75
N ALA A 230 8.84 -5.91 1.54
CA ALA A 230 8.16 -7.20 1.32
C ALA A 230 6.63 -7.08 1.30
N VAL A 231 6.07 -6.37 2.27
CA VAL A 231 4.62 -6.23 2.31
C VAL A 231 4.12 -5.43 1.10
N ILE A 232 4.81 -4.34 0.79
CA ILE A 232 4.45 -3.48 -0.34
C ILE A 232 4.55 -4.24 -1.67
N GLU A 233 5.60 -5.06 -1.79
CA GLU A 233 5.83 -5.87 -3.00
C GLU A 233 4.66 -6.80 -3.25
N ARG A 234 4.28 -7.53 -2.20
CA ARG A 234 3.17 -8.46 -2.31
C ARG A 234 1.91 -7.75 -2.79
N LEU A 235 1.64 -6.57 -2.23
CA LEU A 235 0.46 -5.83 -2.64
C LEU A 235 0.57 -5.41 -4.10
N VAL A 236 1.72 -4.88 -4.49
CA VAL A 236 1.93 -4.42 -5.87
C VAL A 236 1.84 -5.57 -6.89
N ARG A 237 2.42 -6.73 -6.57
CA ARG A 237 2.37 -7.87 -7.50
C ARG A 237 0.99 -8.47 -7.65
N ALA A 238 0.21 -8.47 -6.57
CA ALA A 238 -1.12 -9.07 -6.63
C ALA A 238 -2.24 -8.14 -7.06
N LEU A 239 -2.14 -6.86 -6.72
CA LEU A 239 -3.21 -5.92 -7.00
C LEU A 239 -2.98 -4.97 -8.17
N SER A 240 -1.86 -5.09 -8.85
CA SER A 240 -1.58 -4.23 -9.98
C SER A 240 -0.91 -5.04 -11.08
N HIS A 241 -1.21 -4.69 -12.32
CA HIS A 241 -0.60 -5.41 -13.42
C HIS A 241 0.62 -4.66 -13.92
N PRO A 242 1.52 -5.38 -14.60
CA PRO A 242 2.76 -4.82 -15.15
C PRO A 242 2.50 -3.58 -16.00
N GLY A 243 3.25 -2.51 -15.75
CA GLY A 243 3.08 -1.30 -16.53
C GLY A 243 1.98 -0.37 -16.05
N SER A 244 1.13 -0.80 -15.10
CA SER A 244 0.07 0.07 -14.58
C SER A 244 0.64 1.05 -13.55
N THR A 245 -0.18 2.03 -13.17
CA THR A 245 0.26 3.08 -12.25
C THR A 245 -0.10 2.84 -10.78
N VAL A 246 0.89 3.06 -9.91
CA VAL A 246 0.72 2.92 -8.47
C VAL A 246 0.84 4.32 -7.87
N LEU A 247 -0.12 4.70 -7.02
CA LEU A 247 -0.13 6.02 -6.40
C LEU A 247 0.02 5.95 -4.88
N ASP A 248 0.72 6.93 -4.31
CA ASP A 248 0.91 6.99 -2.87
C ASP A 248 1.06 8.46 -2.48
N PHE A 249 0.05 9.01 -1.81
CA PHE A 249 0.07 10.41 -1.40
C PHE A 249 0.45 10.61 0.07
N PHE A 250 0.94 9.52 0.67
CA PHE A 250 1.47 9.50 2.04
C PHE A 250 2.77 8.71 1.91
N ALA A 251 3.47 8.97 0.80
CA ALA A 251 4.69 8.28 0.42
C ALA A 251 5.76 8.10 1.49
N GLY A 252 5.77 8.98 2.49
CA GLY A 252 6.74 8.86 3.58
C GLY A 252 8.18 8.60 3.20
N SER A 253 8.59 7.33 3.19
CA SER A 253 9.98 6.98 2.84
C SER A 253 10.16 6.77 1.34
N GLY A 254 9.06 6.72 0.60
CA GLY A 254 9.14 6.53 -0.83
C GLY A 254 9.37 5.07 -1.21
N VAL A 255 9.03 4.17 -0.30
CA VAL A 255 9.20 2.73 -0.52
C VAL A 255 8.37 2.26 -1.71
N THR A 256 7.20 2.87 -1.91
CA THR A 256 6.33 2.52 -3.02
C THR A 256 7.03 2.73 -4.36
N ALA A 257 7.76 3.84 -4.50
CA ALA A 257 8.44 4.09 -5.77
C ALA A 257 9.54 3.04 -6.02
N ARG A 258 10.32 2.74 -4.99
CA ARG A 258 11.37 1.74 -5.11
C ARG A 258 10.80 0.41 -5.54
N VAL A 259 9.69 0.01 -4.91
CA VAL A 259 9.05 -1.27 -5.25
C VAL A 259 8.41 -1.23 -6.63
N ALA A 260 7.84 -0.08 -7.00
CA ALA A 260 7.20 0.03 -8.30
C ALA A 260 8.23 -0.12 -9.41
N ILE A 261 9.37 0.54 -9.22
CA ILE A 261 10.47 0.46 -10.17
C ILE A 261 10.93 -0.99 -10.35
N GLN A 262 11.13 -1.67 -9.24
CA GLN A 262 11.58 -3.07 -9.24
C GLN A 262 10.58 -4.01 -9.90
N GLU A 263 9.29 -3.74 -9.74
CA GLU A 263 8.26 -4.61 -10.29
C GLU A 263 7.74 -4.23 -11.68
N GLY A 264 8.34 -3.23 -12.32
CA GLY A 264 7.88 -2.86 -13.65
C GLY A 264 6.59 -2.08 -13.67
N ARG A 265 6.32 -1.30 -12.62
CA ARG A 265 5.11 -0.49 -12.57
C ARG A 265 5.49 0.99 -12.58
N ASN A 266 4.61 1.84 -13.09
CA ASN A 266 4.87 3.28 -13.04
C ASN A 266 4.41 3.72 -11.66
N SER A 267 4.74 4.94 -11.24
CA SER A 267 4.32 5.38 -9.92
C SER A 267 4.30 6.90 -9.74
N ILE A 268 3.46 7.32 -8.81
CA ILE A 268 3.31 8.71 -8.42
C ILE A 268 3.33 8.75 -6.89
N CYS A 269 4.37 9.36 -6.32
CA CYS A 269 4.48 9.43 -4.88
C CYS A 269 4.61 10.88 -4.40
N THR A 270 3.70 11.28 -3.51
CA THR A 270 3.76 12.61 -2.93
C THR A 270 3.58 12.52 -1.43
N ASP A 271 4.21 13.46 -0.72
CA ASP A 271 4.15 13.56 0.73
C ASP A 271 4.17 15.04 1.11
N ALA A 272 3.42 15.41 2.13
CA ALA A 272 3.35 16.81 2.55
C ALA A 272 4.64 17.33 3.17
N ALA A 273 5.49 16.43 3.67
CA ALA A 273 6.75 16.83 4.32
C ALA A 273 7.88 17.06 3.33
N PRO A 274 8.54 18.23 3.42
CA PRO A 274 9.65 18.55 2.51
C PRO A 274 10.79 17.53 2.58
N VAL A 275 10.92 16.85 3.71
CA VAL A 275 11.98 15.86 3.89
C VAL A 275 11.78 14.68 2.95
N PHE A 276 10.59 14.62 2.34
CA PHE A 276 10.28 13.54 1.43
C PHE A 276 11.27 13.47 0.26
N LYS A 277 11.60 14.63 -0.32
CA LYS A 277 12.56 14.68 -1.43
C LYS A 277 13.82 13.90 -1.07
N GLU A 278 14.39 14.23 0.09
CA GLU A 278 15.60 13.57 0.59
C GLU A 278 15.43 12.07 0.71
N TYR A 279 14.37 11.62 1.38
CA TYR A 279 14.12 10.19 1.53
C TYR A 279 14.03 9.52 0.16
N TYR A 280 13.21 10.13 -0.71
CA TYR A 280 12.99 9.63 -2.06
C TYR A 280 14.30 9.43 -2.82
N GLN A 281 15.19 10.41 -2.73
CA GLN A 281 16.48 10.30 -3.41
C GLN A 281 17.28 9.17 -2.77
N LYS A 282 17.24 9.12 -1.45
CA LYS A 282 17.93 8.07 -0.70
C LYS A 282 17.39 6.73 -1.18
N GLN A 283 16.06 6.70 -1.37
CA GLN A 283 15.38 5.52 -1.82
C GLN A 283 15.89 5.09 -3.19
N LEU A 284 16.34 6.06 -3.99
CA LEU A 284 16.85 5.77 -5.32
C LEU A 284 18.30 5.29 -5.27
N THR A 285 19.09 5.86 -4.37
CA THR A 285 20.50 5.47 -4.26
C THR A 285 20.63 3.98 -3.98
N PHE A 286 19.60 3.36 -3.43
CA PHE A 286 19.61 1.93 -3.14
C PHE A 286 19.52 1.13 -4.44
N LEU A 287 18.73 1.64 -5.37
CA LEU A 287 18.57 0.99 -6.67
C LEU A 287 19.85 1.25 -7.48
N GLN A 288 20.55 2.33 -7.11
CA GLN A 288 21.79 2.76 -7.74
C GLN A 288 21.73 2.67 -9.26
N ARG A 297 14.43 -3.39 -17.29
CA ARG A 297 15.09 -2.83 -16.12
C ARG A 297 15.53 -1.38 -16.37
N SER A 298 14.61 -0.58 -16.91
CA SER A 298 14.88 0.82 -17.20
C SER A 298 13.71 1.68 -16.77
N TYR A 299 14.01 2.78 -16.10
CA TYR A 299 12.97 3.67 -15.62
C TYR A 299 13.41 5.11 -15.70
N GLU A 300 12.43 6.01 -15.63
CA GLU A 300 12.70 7.43 -15.69
C GLU A 300 12.10 8.11 -14.46
N ILE A 301 12.90 8.89 -13.74
CA ILE A 301 12.41 9.60 -12.57
C ILE A 301 12.09 11.04 -12.98
N VAL A 302 10.93 11.54 -12.59
CA VAL A 302 10.53 12.90 -12.95
C VAL A 302 9.93 13.64 -11.76
N GLU A 303 10.55 14.75 -11.38
CA GLU A 303 10.07 15.55 -10.25
C GLU A 303 9.05 16.60 -10.70
N GLY A 304 8.09 16.90 -9.83
CA GLY A 304 7.09 17.92 -10.14
C GLY A 304 5.70 17.43 -10.45
N ALA A 305 4.73 17.93 -9.66
CA ALA A 305 3.33 17.56 -9.83
C ALA A 305 2.85 17.88 -11.24
N ALA A 306 3.46 18.88 -11.85
CA ALA A 306 3.09 19.29 -13.21
C ALA A 306 3.33 18.15 -14.20
N ASN A 307 4.12 17.16 -13.78
CA ASN A 307 4.47 16.04 -14.64
C ASN A 307 3.79 14.72 -14.26
N PHE A 308 2.71 14.78 -13.48
CA PHE A 308 2.03 13.55 -13.10
C PHE A 308 1.71 12.71 -14.33
N GLY A 309 1.24 13.37 -15.39
CA GLY A 309 0.87 12.70 -16.62
C GLY A 309 1.87 11.70 -17.15
N ALA A 310 3.15 11.96 -16.97
CA ALA A 310 4.19 11.05 -17.44
C ALA A 310 3.99 9.64 -16.89
N ALA A 311 3.53 9.54 -15.65
CA ALA A 311 3.33 8.24 -15.02
C ALA A 311 1.95 7.68 -15.26
N LEU A 312 1.05 8.50 -15.81
CA LEU A 312 -0.30 8.04 -16.08
C LEU A 312 -0.40 7.32 -17.41
N GLN A 313 0.39 7.75 -18.40
CA GLN A 313 0.34 7.12 -19.71
C GLN A 313 0.42 5.59 -19.57
N ARG A 314 -0.49 4.89 -20.24
CA ARG A 314 -0.51 3.44 -20.17
C ARG A 314 0.59 2.86 -21.03
N GLY A 315 1.70 2.50 -20.39
CA GLY A 315 2.84 1.93 -21.08
C GLY A 315 3.98 1.66 -20.11
CL CL B . 7.00 4.44 4.27
CL CL C . 9.05 -7.35 13.66
#